data_1YRX
#
_entry.id   1YRX
#
_cell.length_a   98.671
_cell.length_b   98.671
_cell.length_c   127.453
_cell.angle_alpha   90.00
_cell.angle_beta   90.00
_cell.angle_gamma   90.00
#
_symmetry.space_group_name_H-M   'P 41 21 2'
#
loop_
_entity.id
_entity.type
_entity.pdbx_description
1 polymer 'hypothetical protein Rsph03001874'
2 non-polymer 'FLAVIN MONONUCLEOTIDE'
3 non-polymer N-DODECYL-N,N-DIMETHYLGLYCINATE
4 water water
#
_entity_poly.entity_id   1
_entity_poly.type   'polypeptide(L)'
_entity_poly.pdbx_seq_one_letter_code
;AGHMVSCCYRSLAAPDLTLRDLLDIVETSQAHNARAQLTGALFYSQGVFFQWLEGRPAAVAEVMTHIQRDRRHSNVEILA
EEPIAKRRFAGWHMQLSCSEADMRSLGLAESRQIVTVGRSL
;
_entity_poly.pdbx_strand_id   A,B,C
#
# COMPACT_ATOMS: atom_id res chain seq x y z
N ALA A 1 -13.35 10.14 6.02
CA ALA A 1 -13.49 9.08 4.98
C ALA A 1 -12.51 7.92 5.18
N GLY A 2 -12.24 7.19 4.09
CA GLY A 2 -11.32 6.04 4.08
C GLY A 2 -10.35 6.09 2.90
N HIS A 3 -9.85 7.29 2.60
CA HIS A 3 -8.80 7.46 1.60
C HIS A 3 -7.48 6.93 2.17
N MET A 4 -6.57 6.57 1.28
CA MET A 4 -5.37 5.90 1.68
C MET A 4 -4.17 6.55 1.03
N VAL A 5 -3.02 6.45 1.69
CA VAL A 5 -1.76 6.87 1.09
C VAL A 5 -0.73 5.74 1.03
N SER A 6 0.24 5.97 0.18
CA SER A 6 1.34 5.08 -0.06
C SER A 6 2.60 5.86 0.18
N CYS A 7 3.51 5.27 0.93
CA CYS A 7 4.74 5.90 1.19
C CYS A 7 5.78 4.85 0.92
N CYS A 8 6.88 5.31 0.38
CA CYS A 8 7.98 4.45 0.07
C CYS A 8 9.26 5.19 0.48
N TYR A 9 10.19 4.47 1.08
CA TYR A 9 11.47 5.05 1.46
C TYR A 9 12.55 4.02 1.27
N ARG A 10 13.78 4.50 1.10
CA ARG A 10 15.00 3.71 1.24
C ARG A 10 15.84 4.21 2.43
N SER A 11 16.70 3.34 2.96
CA SER A 11 17.56 3.66 4.06
C SER A 11 18.80 2.76 4.10
N LEU A 12 19.83 3.17 4.82
CA LEU A 12 21.02 2.34 5.03
C LEU A 12 20.95 1.58 6.35
N ALA A 13 20.99 0.25 6.27
CA ALA A 13 21.00 -0.61 7.45
C ALA A 13 22.21 -0.30 8.36
N ALA A 14 22.00 -0.24 9.66
CA ALA A 14 23.14 -0.04 10.61
C ALA A 14 24.22 -1.08 10.34
N PRO A 15 25.50 -0.65 10.20
CA PRO A 15 26.59 -1.57 9.92
C PRO A 15 26.58 -2.77 10.89
N ASP A 16 26.26 -2.49 12.14
CA ASP A 16 26.26 -3.47 13.23
C ASP A 16 24.86 -4.04 13.50
N LEU A 17 24.02 -4.10 12.47
CA LEU A 17 22.72 -4.74 12.61
C LEU A 17 22.92 -6.21 12.95
N THR A 18 22.02 -6.71 13.79
CA THR A 18 22.19 -7.95 14.49
C THR A 18 20.94 -8.81 14.17
N LEU A 19 20.99 -10.13 14.35
CA LEU A 19 19.80 -11.00 14.18
C LEU A 19 18.66 -10.57 15.10
N ARG A 20 18.99 -10.27 16.35
CA ARG A 20 18.04 -9.71 17.35
C ARG A 20 17.34 -8.48 16.81
N ASP A 21 18.09 -7.53 16.26
CA ASP A 21 17.47 -6.36 15.64
C ASP A 21 16.47 -6.70 14.58
N LEU A 22 16.79 -7.70 13.73
CA LEU A 22 15.87 -8.09 12.63
C LEU A 22 14.67 -8.78 13.18
N LEU A 23 14.88 -9.60 14.21
CA LEU A 23 13.79 -10.21 14.93
C LEU A 23 12.85 -9.16 15.51
N ASP A 24 13.40 -8.16 16.21
CA ASP A 24 12.59 -7.03 16.76
C ASP A 24 11.81 -6.30 15.66
N ILE A 25 12.48 -5.93 14.59
CA ILE A 25 11.81 -5.19 13.50
C ILE A 25 10.61 -6.01 12.96
N VAL A 26 10.83 -7.28 12.66
CA VAL A 26 9.80 -8.14 12.10
C VAL A 26 8.64 -8.32 13.10
N GLU A 27 8.94 -8.71 14.34
CA GLU A 27 7.88 -8.89 15.35
C GLU A 27 7.09 -7.62 15.61
N THR A 28 7.80 -6.51 15.73
CA THR A 28 7.14 -5.24 16.00
C THR A 28 6.24 -4.85 14.83
N SER A 29 6.80 -4.88 13.64
CA SER A 29 6.08 -4.51 12.42
C SER A 29 4.88 -5.35 12.18
N GLN A 30 5.04 -6.67 12.26
CA GLN A 30 3.89 -7.56 12.08
C GLN A 30 2.79 -7.21 13.04
N ALA A 31 3.14 -6.96 14.30
CA ALA A 31 2.10 -6.76 15.31
C ALA A 31 1.42 -5.40 15.08
N HIS A 32 2.20 -4.36 14.84
CA HIS A 32 1.61 -3.02 14.69
C HIS A 32 0.90 -2.85 13.32
N ASN A 33 1.52 -3.33 12.24
CA ASN A 33 0.95 -3.20 10.90
C ASN A 33 -0.40 -3.92 10.81
N ALA A 34 -0.53 -5.06 11.49
CA ALA A 34 -1.85 -5.72 11.56
C ALA A 34 -2.85 -4.91 12.37
N ARG A 35 -2.44 -4.40 13.53
CA ARG A 35 -3.36 -3.58 14.31
C ARG A 35 -3.82 -2.31 13.54
N ALA A 36 -2.88 -1.63 12.90
CA ALA A 36 -3.15 -0.34 12.26
C ALA A 36 -3.58 -0.45 10.78
N GLN A 37 -3.59 -1.68 10.28
CA GLN A 37 -4.04 -1.98 8.89
C GLN A 37 -3.11 -1.29 7.91
N LEU A 38 -1.84 -1.58 8.10
CA LEU A 38 -0.79 -1.13 7.24
C LEU A 38 -0.31 -2.32 6.46
N THR A 39 -0.44 -2.23 5.15
CA THR A 39 0.01 -3.28 4.27
C THR A 39 1.24 -2.78 3.50
N GLY A 40 2.02 -3.68 2.91
CA GLY A 40 3.15 -3.30 2.11
C GLY A 40 4.24 -4.33 2.29
N ALA A 41 5.49 -3.91 2.25
CA ALA A 41 6.57 -4.84 2.33
C ALA A 41 7.88 -4.09 2.63
N LEU A 42 8.72 -4.73 3.42
CA LEU A 42 10.06 -4.28 3.70
C LEU A 42 10.99 -5.29 3.01
N PHE A 43 11.95 -4.73 2.26
CA PHE A 43 12.99 -5.43 1.61
C PHE A 43 14.35 -5.10 2.23
N TYR A 44 15.17 -6.11 2.37
CA TYR A 44 16.56 -5.91 2.71
C TYR A 44 17.36 -6.57 1.59
N SER A 45 18.43 -5.88 1.15
CA SER A 45 19.41 -6.40 0.20
C SER A 45 20.68 -5.57 0.27
N GLN A 46 21.82 -6.24 0.20
CA GLN A 46 23.16 -5.62 0.19
C GLN A 46 23.28 -4.29 0.98
N GLY A 47 22.84 -4.29 2.24
CA GLY A 47 22.96 -3.13 3.17
C GLY A 47 21.86 -2.07 3.16
N VAL A 48 20.86 -2.26 2.30
CA VAL A 48 19.83 -1.25 2.07
C VAL A 48 18.47 -1.77 2.49
N PHE A 49 17.68 -0.95 3.21
CA PHE A 49 16.28 -1.23 3.39
C PHE A 49 15.51 -0.41 2.40
N PHE A 50 14.44 -1.02 1.88
CA PHE A 50 13.47 -0.31 1.08
C PHE A 50 12.10 -0.74 1.55
N GLN A 51 11.21 0.20 1.87
CA GLN A 51 9.94 -0.22 2.36
C GLN A 51 8.84 0.46 1.61
N TRP A 52 7.78 -0.28 1.34
CA TRP A 52 6.56 0.25 0.81
C TRP A 52 5.49 0.10 1.88
N LEU A 53 4.80 1.20 2.21
CA LEU A 53 3.68 1.17 3.16
C LEU A 53 2.41 1.84 2.67
N GLU A 54 1.27 1.24 2.98
CA GLU A 54 -0.04 1.71 2.59
C GLU A 54 -1.00 1.69 3.76
N GLY A 55 -1.92 2.63 3.78
CA GLY A 55 -2.96 2.65 4.79
C GLY A 55 -3.49 4.05 4.89
N ARG A 56 -4.23 4.33 5.97
CA ARG A 56 -4.81 5.65 6.16
C ARG A 56 -3.67 6.64 6.38
N PRO A 57 -3.84 7.89 5.92
CA PRO A 57 -2.77 8.89 6.07
C PRO A 57 -2.22 9.01 7.50
N ALA A 58 -3.08 9.04 8.52
CA ALA A 58 -2.60 9.19 9.92
C ALA A 58 -1.79 8.00 10.36
N ALA A 59 -2.23 6.81 9.94
CA ALA A 59 -1.52 5.57 10.33
C ALA A 59 -0.15 5.41 9.68
N VAL A 60 -0.04 5.81 8.42
CA VAL A 60 1.23 5.84 7.69
C VAL A 60 2.17 6.93 8.23
N ALA A 61 1.66 8.15 8.42
CA ALA A 61 2.48 9.23 8.99
C ALA A 61 3.02 8.92 10.39
N GLU A 62 2.19 8.26 11.21
CA GLU A 62 2.61 7.84 12.57
C GLU A 62 3.74 6.83 12.57
N VAL A 63 3.63 5.80 11.73
CA VAL A 63 4.66 4.77 11.71
C VAL A 63 5.95 5.37 11.13
N MET A 64 5.81 6.29 10.17
CA MET A 64 6.98 6.95 9.57
C MET A 64 7.77 7.82 10.55
N THR A 65 7.08 8.45 11.52
CA THR A 65 7.74 9.20 12.60
C THR A 65 8.71 8.31 13.38
N HIS A 66 8.23 7.14 13.76
CA HIS A 66 9.02 6.12 14.43
C HIS A 66 10.11 5.57 13.56
N ILE A 67 9.77 5.11 12.36
CA ILE A 67 10.79 4.64 11.42
C ILE A 67 11.91 5.66 11.22
N GLN A 68 11.56 6.95 11.09
CA GLN A 68 12.56 7.95 10.76
C GLN A 68 13.60 8.20 11.89
N ARG A 69 13.22 7.97 13.14
CA ARG A 69 14.13 8.13 14.26
C ARG A 69 14.70 6.80 14.74
N ASP A 70 14.46 5.72 14.01
CA ASP A 70 14.96 4.40 14.42
C ASP A 70 16.47 4.29 14.16
N ARG A 71 17.23 3.89 15.18
CA ARG A 71 18.70 3.89 15.10
C ARG A 71 19.27 2.65 14.39
N ARG A 72 18.39 1.71 14.04
CA ARG A 72 18.77 0.52 13.26
C ARG A 72 19.02 0.77 11.76
N HIS A 73 18.74 1.99 11.29
CA HIS A 73 19.10 2.44 9.96
C HIS A 73 19.38 3.96 9.98
N SER A 74 20.05 4.42 8.94
CA SER A 74 20.28 5.84 8.76
C SER A 74 19.99 6.24 7.31
N ASN A 75 19.98 7.53 7.06
CA ASN A 75 19.81 8.09 5.71
C ASN A 75 18.45 7.69 5.10
N VAL A 76 17.40 7.79 5.92
CA VAL A 76 16.04 7.55 5.50
C VAL A 76 15.61 8.62 4.48
N GLU A 77 15.46 8.20 3.23
CA GLU A 77 15.08 9.07 2.13
C GLU A 77 13.69 8.63 1.64
N ILE A 78 12.70 9.49 1.85
CA ILE A 78 11.35 9.25 1.36
C ILE A 78 11.42 9.36 -0.18
N LEU A 79 10.94 8.35 -0.89
CA LEU A 79 11.06 8.36 -2.36
C LEU A 79 9.73 8.73 -3.06
N ALA A 80 8.61 8.41 -2.43
CA ALA A 80 7.28 8.72 -2.95
C ALA A 80 6.30 8.77 -1.79
N GLU A 81 5.37 9.70 -1.84
CA GLU A 81 4.15 9.61 -1.06
C GLU A 81 3.05 9.90 -2.05
N GLU A 82 2.03 9.04 -2.10
CA GLU A 82 1.01 9.16 -3.15
C GLU A 82 -0.34 8.70 -2.59
N PRO A 83 -1.42 9.42 -2.92
CA PRO A 83 -2.79 8.92 -2.74
C PRO A 83 -3.05 7.66 -3.57
N ILE A 84 -3.73 6.68 -2.99
CA ILE A 84 -4.06 5.45 -3.67
C ILE A 84 -5.53 5.14 -3.46
N ALA A 85 -6.15 4.45 -4.40
CA ALA A 85 -7.56 4.11 -4.28
C ALA A 85 -7.69 2.75 -3.62
N LYS A 86 -6.69 1.92 -3.88
CA LYS A 86 -6.67 0.57 -3.35
C LYS A 86 -5.23 0.15 -3.05
N ARG A 87 -5.11 -0.79 -2.12
CA ARG A 87 -3.87 -1.40 -1.69
C ARG A 87 -3.26 -2.33 -2.76
N ARG A 88 -1.95 -2.33 -2.89
CA ARG A 88 -1.29 -3.28 -3.83
C ARG A 88 -0.76 -4.50 -3.09
N PHE A 89 -0.80 -4.46 -1.76
CA PHE A 89 -0.34 -5.58 -0.97
C PHE A 89 -1.46 -6.02 -0.06
N ALA A 90 -1.55 -7.33 0.15
CA ALA A 90 -2.67 -7.94 0.86
C ALA A 90 -2.47 -7.81 2.38
N GLY A 91 -1.22 -8.04 2.79
CA GLY A 91 -0.80 -7.88 4.18
C GLY A 91 0.57 -7.17 4.20
N TRP A 92 1.44 -7.63 5.09
CA TRP A 92 2.77 -7.09 5.24
C TRP A 92 3.74 -8.25 5.28
N HIS A 93 4.93 -8.06 4.74
CA HIS A 93 5.99 -9.04 4.94
C HIS A 93 7.35 -8.41 4.75
N MET A 94 8.35 -9.06 5.32
CA MET A 94 9.73 -8.74 5.08
C MET A 94 10.36 -9.76 4.12
N GLN A 95 11.06 -9.24 3.10
CA GLN A 95 11.85 -10.07 2.19
C GLN A 95 13.33 -9.72 2.32
N LEU A 96 14.14 -10.73 2.59
CA LEU A 96 15.56 -10.52 2.84
C LEU A 96 16.40 -11.32 1.86
N SER A 97 17.29 -10.63 1.16
CA SER A 97 18.31 -11.27 0.34
C SER A 97 19.58 -11.35 1.15
N CYS A 98 20.05 -12.58 1.39
CA CYS A 98 21.12 -12.85 2.34
C CYS A 98 22.38 -13.34 1.66
N SER A 99 23.41 -12.51 1.69
CA SER A 99 24.70 -12.89 1.14
C SER A 99 25.60 -13.58 2.16
N GLU A 100 26.72 -14.06 1.66
CA GLU A 100 27.85 -14.61 2.41
C GLU A 100 28.36 -13.61 3.45
N ALA A 101 28.36 -12.33 3.06
CA ALA A 101 28.84 -11.25 3.92
C ALA A 101 27.82 -10.88 4.97
N ASP A 102 26.54 -10.95 4.61
CA ASP A 102 25.44 -10.84 5.56
C ASP A 102 25.59 -11.91 6.65
N MET A 103 25.75 -13.18 6.26
CA MET A 103 25.89 -14.28 7.19
C MET A 103 26.98 -14.02 8.19
N ARG A 104 28.19 -13.79 7.70
CA ARG A 104 29.35 -13.51 8.54
C ARG A 104 29.23 -12.30 9.46
N SER A 105 28.47 -11.30 9.05
CA SER A 105 28.19 -10.13 9.88
C SER A 105 27.30 -10.48 11.05
N LEU A 106 26.38 -11.42 10.87
CA LEU A 106 25.50 -11.85 11.94
C LEU A 106 26.17 -12.89 12.85
N GLY A 107 27.44 -13.19 12.58
CA GLY A 107 28.14 -14.32 13.22
C GLY A 107 27.43 -15.66 13.01
N LEU A 108 27.06 -15.96 11.77
CA LEU A 108 26.44 -17.24 11.45
C LEU A 108 27.14 -17.89 10.25
N ALA A 109 27.10 -19.22 10.21
CA ALA A 109 27.53 -19.97 9.03
C ALA A 109 26.64 -21.18 8.85
N GLU A 110 26.51 -21.63 7.59
CA GLU A 110 25.84 -22.88 7.30
C GLU A 110 26.89 -23.94 7.41
N SER A 111 26.51 -25.14 7.79
CA SER A 111 27.44 -26.26 7.68
C SER A 111 26.66 -27.41 7.09
N ARG A 112 27.25 -28.16 6.16
CA ARG A 112 26.48 -29.26 5.63
C ARG A 112 26.90 -30.62 6.15
N GLN A 113 25.91 -31.49 6.20
CA GLN A 113 26.04 -32.81 6.71
C GLN A 113 25.46 -33.70 5.63
N ILE A 114 25.97 -34.93 5.57
CA ILE A 114 25.44 -35.92 4.65
C ILE A 114 24.60 -36.92 5.44
N VAL A 115 23.52 -37.36 4.83
CA VAL A 115 22.47 -38.09 5.46
C VAL A 115 22.01 -39.18 4.50
N THR A 116 21.95 -40.42 4.99
CA THR A 116 21.40 -41.54 4.23
C THR A 116 19.89 -41.39 4.15
N VAL A 117 19.32 -41.84 3.03
CA VAL A 117 17.89 -41.74 2.77
C VAL A 117 17.42 -42.94 1.93
N GLY A 118 16.12 -43.05 1.72
CA GLY A 118 15.58 -44.04 0.78
C GLY A 118 15.79 -43.63 -0.68
N GLY B 2 12.86 22.35 -8.05
CA GLY B 2 11.63 21.61 -8.50
C GLY B 2 11.54 21.60 -10.02
N HIS B 3 12.68 21.44 -10.67
CA HIS B 3 12.81 21.58 -12.13
C HIS B 3 13.14 20.25 -12.81
N MET B 4 13.07 19.17 -12.04
CA MET B 4 13.32 17.82 -12.51
C MET B 4 12.15 16.96 -12.14
N VAL B 5 12.05 15.79 -12.77
CA VAL B 5 11.08 14.82 -12.30
C VAL B 5 11.75 13.53 -11.90
N SER B 6 11.00 12.81 -11.07
CA SER B 6 11.25 11.43 -10.83
C SER B 6 10.04 10.73 -11.34
N CYS B 7 10.29 9.54 -11.85
CA CYS B 7 9.27 8.70 -12.35
C CYS B 7 9.54 7.30 -11.79
N CYS B 8 8.47 6.64 -11.38
CA CYS B 8 8.57 5.33 -10.81
C CYS B 8 7.41 4.49 -11.37
N TYR B 9 7.71 3.33 -11.95
CA TYR B 9 6.67 2.47 -12.50
C TYR B 9 6.97 0.98 -12.18
N ARG B 10 5.92 0.16 -12.29
CA ARG B 10 6.10 -1.28 -12.30
C ARG B 10 5.45 -1.82 -13.55
N SER B 11 5.94 -2.93 -14.04
CA SER B 11 5.37 -3.56 -15.23
C SER B 11 5.46 -5.07 -15.10
N LEU B 12 4.80 -5.79 -16.01
CA LEU B 12 4.92 -7.25 -16.08
C LEU B 12 5.71 -7.65 -17.30
N ALA B 13 6.79 -8.40 -17.11
CA ALA B 13 7.56 -8.94 -18.23
C ALA B 13 6.64 -9.69 -19.21
N ALA B 14 7.00 -9.61 -20.50
CA ALA B 14 6.44 -10.50 -21.50
C ALA B 14 6.65 -11.92 -20.97
N PRO B 15 5.60 -12.78 -21.02
CA PRO B 15 5.80 -14.15 -20.54
C PRO B 15 6.81 -14.94 -21.39
N ASP B 16 7.05 -14.47 -22.62
CA ASP B 16 8.07 -15.09 -23.47
C ASP B 16 9.35 -14.24 -23.48
N LEU B 17 9.59 -13.51 -22.39
CA LEU B 17 10.84 -12.75 -22.28
C LEU B 17 12.00 -13.71 -22.19
N THR B 18 13.12 -13.25 -22.70
CA THR B 18 14.25 -14.09 -23.00
C THR B 18 15.47 -13.46 -22.33
N LEU B 19 16.52 -14.24 -22.17
CA LEU B 19 17.77 -13.74 -21.62
C LEU B 19 18.34 -12.63 -22.50
N ARG B 20 18.38 -12.89 -23.81
CA ARG B 20 18.77 -11.93 -24.85
C ARG B 20 18.06 -10.64 -24.64
N ASP B 21 16.71 -10.68 -24.51
CA ASP B 21 15.86 -9.51 -24.16
C ASP B 21 16.34 -8.74 -22.94
N LEU B 22 16.70 -9.48 -21.88
CA LEU B 22 17.08 -8.84 -20.61
C LEU B 22 18.44 -8.22 -20.81
N LEU B 23 19.28 -8.93 -21.55
CA LEU B 23 20.59 -8.46 -21.94
C LEU B 23 20.53 -7.21 -22.84
N ASP B 24 19.56 -7.15 -23.77
CA ASP B 24 19.37 -5.94 -24.61
C ASP B 24 18.93 -4.75 -23.71
N ILE B 25 17.92 -4.98 -22.87
CA ILE B 25 17.40 -3.96 -21.93
C ILE B 25 18.45 -3.37 -20.97
N VAL B 26 19.25 -4.25 -20.38
CA VAL B 26 20.40 -3.87 -19.55
C VAL B 26 21.39 -2.97 -20.33
N GLU B 27 21.90 -3.47 -21.44
CA GLU B 27 22.92 -2.76 -22.22
C GLU B 27 22.43 -1.41 -22.76
N THR B 28 21.27 -1.41 -23.42
CA THR B 28 20.61 -0.19 -23.86
C THR B 28 20.39 0.78 -22.70
N SER B 29 19.84 0.25 -21.61
CA SER B 29 19.53 1.02 -20.42
C SER B 29 20.73 1.73 -19.82
N GLN B 30 21.81 0.97 -19.59
CA GLN B 30 23.03 1.47 -19.00
C GLN B 30 23.69 2.58 -19.82
N ALA B 31 23.61 2.45 -21.15
CA ALA B 31 24.32 3.37 -22.04
C ALA B 31 23.57 4.67 -22.31
N HIS B 32 22.25 4.60 -22.50
CA HIS B 32 21.46 5.79 -22.78
C HIS B 32 21.27 6.65 -21.53
N ASN B 33 20.96 5.99 -20.41
CA ASN B 33 20.81 6.69 -19.13
C ASN B 33 22.07 7.46 -18.74
N ALA B 34 23.24 6.81 -18.81
CA ALA B 34 24.53 7.54 -18.75
C ALA B 34 24.81 8.13 -20.13
N ARG B 35 24.37 9.38 -20.30
CA ARG B 35 24.40 10.14 -21.58
C ARG B 35 23.21 11.11 -21.51
N ALA B 36 22.00 10.56 -21.01
CA ALA B 36 20.83 11.43 -20.79
C ALA B 36 20.82 12.05 -19.40
N GLN B 37 21.86 11.76 -18.61
CA GLN B 37 21.94 12.10 -17.17
C GLN B 37 20.74 11.54 -16.38
N LEU B 38 20.34 10.31 -16.71
CA LEU B 38 19.25 9.64 -16.00
C LEU B 38 19.83 8.79 -14.88
N THR B 39 19.36 9.07 -13.67
CA THR B 39 19.74 8.31 -12.50
C THR B 39 18.51 7.49 -12.03
N GLY B 40 18.76 6.37 -11.34
CA GLY B 40 17.71 5.55 -10.75
C GLY B 40 18.07 4.07 -10.61
N ALA B 41 17.11 3.19 -10.87
CA ALA B 41 17.33 1.77 -10.64
C ALA B 41 16.29 0.95 -11.33
N LEU B 42 16.73 -0.13 -11.96
CA LEU B 42 15.82 -1.12 -12.55
C LEU B 42 16.02 -2.44 -11.80
N PHE B 43 14.92 -3.01 -11.36
CA PHE B 43 14.91 -4.29 -10.69
C PHE B 43 14.04 -5.22 -11.52
N TYR B 44 14.50 -6.45 -11.68
CA TYR B 44 13.69 -7.52 -12.23
C TYR B 44 13.74 -8.71 -11.32
N SER B 45 12.57 -9.19 -10.98
CA SER B 45 12.44 -10.38 -10.20
C SER B 45 11.10 -10.99 -10.57
N GLN B 46 11.13 -12.28 -10.91
CA GLN B 46 9.91 -13.09 -10.95
C GLN B 46 8.79 -12.51 -11.81
N GLY B 47 9.08 -12.32 -13.08
CA GLY B 47 8.11 -11.74 -14.02
C GLY B 47 7.71 -10.27 -13.85
N VAL B 48 8.25 -9.59 -12.82
CA VAL B 48 7.93 -8.17 -12.57
C VAL B 48 9.15 -7.22 -12.74
N PHE B 49 8.94 -6.11 -13.45
CA PHE B 49 9.92 -5.05 -13.48
C PHE B 49 9.52 -3.93 -12.54
N PHE B 50 10.52 -3.25 -12.00
CA PHE B 50 10.28 -2.09 -11.15
C PHE B 50 11.40 -1.11 -11.37
N GLN B 51 11.05 0.12 -11.70
CA GLN B 51 12.07 1.06 -12.11
C GLN B 51 11.82 2.46 -11.58
N TRP B 52 12.90 3.07 -11.10
CA TRP B 52 12.95 4.49 -10.80
C TRP B 52 13.81 5.19 -11.81
N LEU B 53 13.34 6.34 -12.30
CA LEU B 53 14.12 7.21 -13.16
C LEU B 53 14.00 8.70 -12.79
N GLU B 54 15.07 9.45 -12.97
CA GLU B 54 15.10 10.85 -12.59
C GLU B 54 16.18 11.58 -13.37
N GLY B 55 15.92 12.87 -13.61
CA GLY B 55 16.74 13.69 -14.49
C GLY B 55 15.92 14.82 -15.08
N ARG B 56 16.39 15.32 -16.26
CA ARG B 56 15.72 16.41 -16.96
C ARG B 56 14.28 15.95 -17.23
N PRO B 57 13.28 16.83 -17.04
CA PRO B 57 11.91 16.39 -17.31
C PRO B 57 11.76 15.81 -18.73
N ALA B 58 12.33 16.50 -19.73
CA ALA B 58 12.23 16.04 -21.12
C ALA B 58 12.95 14.69 -21.42
N ALA B 59 14.07 14.42 -20.71
CA ALA B 59 14.85 13.19 -20.90
C ALA B 59 14.12 12.02 -20.24
N VAL B 60 13.50 12.26 -19.09
CA VAL B 60 12.65 11.24 -18.48
C VAL B 60 11.38 11.00 -19.30
N ALA B 61 10.80 12.11 -19.79
CA ALA B 61 9.49 12.05 -20.41
C ALA B 61 9.60 11.20 -21.65
N GLU B 62 10.78 11.26 -22.27
CA GLU B 62 11.06 10.56 -23.53
C GLU B 62 11.53 9.13 -23.36
N VAL B 63 12.32 8.86 -22.32
CA VAL B 63 12.74 7.46 -22.08
C VAL B 63 11.51 6.65 -21.67
N MET B 64 10.61 7.28 -20.91
CA MET B 64 9.32 6.70 -20.55
C MET B 64 8.40 6.49 -21.75
N THR B 65 8.56 7.35 -22.77
CA THR B 65 7.84 7.17 -23.99
C THR B 65 8.30 5.93 -24.71
N HIS B 66 9.61 5.75 -24.88
CA HIS B 66 10.11 4.46 -25.40
C HIS B 66 9.64 3.28 -24.53
N ILE B 67 9.82 3.37 -23.21
CA ILE B 67 9.45 2.30 -22.26
C ILE B 67 7.98 1.88 -22.32
N GLN B 68 7.08 2.86 -22.36
CA GLN B 68 5.64 2.57 -22.46
C GLN B 68 5.16 1.98 -23.79
N ARG B 69 6.01 1.99 -24.82
CA ARG B 69 5.66 1.23 -26.04
C ARG B 69 6.44 -0.07 -26.28
N ASP B 70 7.38 -0.37 -25.38
CA ASP B 70 8.20 -1.58 -25.46
C ASP B 70 7.36 -2.86 -25.24
N ARG B 71 7.46 -3.79 -26.20
CA ARG B 71 6.67 -5.00 -26.16
C ARG B 71 7.31 -6.08 -25.26
N ARG B 72 8.47 -5.80 -24.67
CA ARG B 72 9.08 -6.70 -23.66
C ARG B 72 8.39 -6.75 -22.29
N HIS B 73 7.47 -5.82 -22.07
CA HIS B 73 6.61 -5.84 -20.89
C HIS B 73 5.25 -5.25 -21.21
N SER B 74 4.34 -5.32 -20.24
CA SER B 74 2.99 -4.82 -20.40
C SER B 74 2.54 -4.28 -19.06
N ASN B 75 1.36 -3.66 -19.05
CA ASN B 75 0.71 -3.19 -17.82
C ASN B 75 1.63 -2.25 -17.01
N VAL B 76 2.27 -1.35 -17.74
CA VAL B 76 3.17 -0.37 -17.21
C VAL B 76 2.33 0.54 -16.36
N GLU B 77 2.65 0.57 -15.07
CA GLU B 77 1.84 1.26 -14.10
C GLU B 77 2.74 2.25 -13.38
N ILE B 78 2.57 3.52 -13.71
CA ILE B 78 3.28 4.61 -13.05
C ILE B 78 2.78 4.75 -11.60
N LEU B 79 3.69 4.60 -10.65
CA LEU B 79 3.37 4.61 -9.21
C LEU B 79 3.64 5.96 -8.57
N ALA B 80 4.57 6.71 -9.15
CA ALA B 80 4.92 8.00 -8.60
C ALA B 80 5.59 8.80 -9.70
N GLU B 81 5.07 10.01 -9.90
CA GLU B 81 5.65 11.02 -10.77
C GLU B 81 5.58 12.30 -9.97
N GLU B 82 6.68 13.05 -9.98
CA GLU B 82 6.80 14.21 -9.10
C GLU B 82 8.01 15.06 -9.49
N PRO B 83 7.82 16.40 -9.50
CA PRO B 83 8.88 17.39 -9.40
C PRO B 83 9.86 17.11 -8.26
N ILE B 84 11.11 16.80 -8.61
CA ILE B 84 12.18 16.83 -7.62
C ILE B 84 13.08 18.04 -7.89
N ALA B 85 13.79 18.42 -6.82
CA ALA B 85 14.74 19.52 -6.85
C ALA B 85 16.15 18.93 -6.75
N LYS B 86 16.12 17.67 -6.03
CA LYS B 86 17.38 16.92 -5.87
C LYS B 86 17.27 15.44 -6.29
N ARG B 87 18.10 15.03 -7.24
CA ARG B 87 18.27 13.61 -7.54
C ARG B 87 18.39 12.81 -6.25
N ARG B 88 17.63 11.73 -6.13
CA ARG B 88 17.76 10.90 -4.93
C ARG B 88 18.36 9.53 -5.24
N PHE B 89 18.96 9.43 -6.42
CA PHE B 89 19.75 8.26 -6.79
C PHE B 89 21.06 8.71 -7.40
N ALA B 90 22.15 8.04 -7.02
CA ALA B 90 23.47 8.31 -7.60
C ALA B 90 23.70 7.45 -8.85
N GLY B 91 23.63 8.07 -10.02
CA GLY B 91 23.79 7.34 -11.27
C GLY B 91 22.73 6.26 -11.47
N TRP B 92 23.09 5.24 -12.23
CA TRP B 92 22.14 4.23 -12.64
C TRP B 92 22.46 2.81 -12.15
N HIS B 93 21.46 2.16 -11.55
CA HIS B 93 21.64 0.85 -10.92
C HIS B 93 20.73 -0.25 -11.48
N MET B 94 21.33 -1.39 -11.74
CA MET B 94 20.68 -2.56 -12.31
C MET B 94 20.71 -3.70 -11.31
N GLN B 95 19.58 -4.36 -11.13
CA GLN B 95 19.48 -5.45 -10.16
C GLN B 95 18.53 -6.53 -10.64
N LEU B 96 19.08 -7.56 -11.25
CA LEU B 96 18.29 -8.66 -11.76
C LEU B 96 18.55 -9.88 -10.91
N SER B 97 17.50 -10.33 -10.22
CA SER B 97 17.57 -11.55 -9.43
C SER B 97 16.86 -12.70 -10.16
N CYS B 98 17.40 -13.91 -10.02
CA CYS B 98 16.90 -15.07 -10.76
C CYS B 98 16.59 -16.24 -9.83
N SER B 99 15.32 -16.63 -9.81
CA SER B 99 14.83 -17.73 -9.00
C SER B 99 15.10 -19.07 -9.66
N GLU B 100 14.67 -20.15 -9.00
CA GLU B 100 14.76 -21.49 -9.56
C GLU B 100 13.83 -21.65 -10.76
N ALA B 101 12.67 -20.98 -10.71
CA ALA B 101 11.71 -20.98 -11.80
C ALA B 101 12.34 -20.43 -13.07
N ASP B 102 12.90 -19.21 -12.99
CA ASP B 102 13.63 -18.62 -14.12
C ASP B 102 14.81 -19.49 -14.58
N MET B 103 15.38 -20.27 -13.66
CA MET B 103 16.52 -21.14 -13.95
C MET B 103 16.12 -22.41 -14.72
N ARG B 104 15.19 -23.19 -14.16
CA ARG B 104 14.52 -24.26 -14.88
C ARG B 104 13.94 -23.73 -16.21
N SER B 105 13.62 -22.43 -16.22
CA SER B 105 13.08 -21.71 -17.38
C SER B 105 14.18 -20.90 -18.09
N LEU B 106 15.35 -21.53 -18.19
CA LEU B 106 16.46 -21.12 -19.05
C LEU B 106 17.24 -22.38 -19.46
N GLY B 107 16.80 -23.53 -18.95
CA GLY B 107 17.48 -24.81 -19.15
C GLY B 107 18.63 -25.04 -18.17
N LEU B 108 18.63 -24.27 -17.07
CA LEU B 108 19.78 -24.27 -16.15
C LEU B 108 19.47 -25.02 -14.86
N ALA B 109 20.52 -25.54 -14.23
CA ALA B 109 20.37 -26.28 -12.98
C ALA B 109 21.63 -26.16 -12.17
N GLU B 110 21.48 -26.35 -10.86
CA GLU B 110 22.64 -26.41 -9.99
C GLU B 110 23.22 -27.82 -10.02
N SER B 111 24.54 -27.87 -9.87
CA SER B 111 25.31 -29.07 -9.99
C SER B 111 26.52 -28.86 -9.13
N ARG B 112 26.94 -29.90 -8.42
CA ARG B 112 28.15 -29.80 -7.61
C ARG B 112 29.21 -30.58 -8.36
N GLN B 113 30.43 -30.07 -8.40
CA GLN B 113 31.49 -30.76 -9.10
C GLN B 113 32.43 -31.36 -8.09
N ILE B 114 32.74 -32.64 -8.28
CA ILE B 114 33.71 -33.32 -7.45
C ILE B 114 34.80 -33.82 -8.35
N VAL B 115 36.02 -33.42 -8.00
CA VAL B 115 37.20 -33.73 -8.72
C VAL B 115 38.10 -34.41 -7.74
N THR B 116 38.79 -35.42 -8.26
CA THR B 116 39.73 -36.25 -7.54
C THR B 116 41.06 -35.49 -7.55
N VAL B 117 41.68 -35.28 -6.39
CA VAL B 117 42.94 -34.48 -6.33
C VAL B 117 44.03 -35.10 -5.48
N HIS C 3 -39.67 26.08 4.42
CA HIS C 3 -39.69 24.75 3.72
C HIS C 3 -38.35 24.04 3.84
N MET C 4 -38.40 22.80 4.32
CA MET C 4 -37.22 21.95 4.47
C MET C 4 -37.34 20.77 3.52
N VAL C 5 -36.21 20.35 2.93
CA VAL C 5 -36.23 19.18 2.03
C VAL C 5 -35.93 17.85 2.77
N SER C 6 -36.49 16.77 2.23
CA SER C 6 -36.20 15.41 2.67
C SER C 6 -35.35 14.72 1.62
N CYS C 7 -34.44 13.86 2.07
CA CYS C 7 -33.57 13.11 1.17
C CYS C 7 -33.42 11.65 1.59
N CYS C 8 -33.27 10.77 0.60
CA CYS C 8 -33.21 9.33 0.82
C CYS C 8 -32.24 8.69 -0.19
N TYR C 9 -31.24 7.98 0.32
CA TYR C 9 -30.28 7.30 -0.54
C TYR C 9 -29.90 5.94 0.01
N ARG C 10 -29.47 5.05 -0.87
CA ARG C 10 -28.71 3.89 -0.44
C ARG C 10 -27.29 3.90 -1.02
N SER C 11 -26.42 3.08 -0.45
CA SER C 11 -25.03 2.98 -0.87
C SER C 11 -24.44 1.67 -0.39
N LEU C 12 -23.28 1.31 -0.91
CA LEU C 12 -22.61 0.10 -0.52
C LEU C 12 -21.38 0.41 0.33
N ALA C 13 -21.38 -0.08 1.57
CA ALA C 13 -20.25 0.05 2.48
C ALA C 13 -18.99 -0.47 1.82
N ALA C 14 -17.91 0.30 1.94
CA ALA C 14 -16.58 -0.13 1.50
C ALA C 14 -16.31 -1.51 2.11
N PRO C 15 -15.77 -2.45 1.32
CA PRO C 15 -15.56 -3.82 1.83
C PRO C 15 -14.71 -3.89 3.10
N ASP C 16 -13.74 -2.98 3.22
CA ASP C 16 -12.87 -2.90 4.36
C ASP C 16 -13.41 -2.05 5.51
N LEU C 17 -14.71 -1.74 5.51
CA LEU C 17 -15.29 -0.93 6.60
C LEU C 17 -15.01 -1.58 7.95
N THR C 18 -14.69 -0.75 8.94
CA THR C 18 -14.41 -1.25 10.28
C THR C 18 -15.38 -0.69 11.30
N LEU C 19 -15.40 -1.30 12.49
CA LEU C 19 -16.23 -0.81 13.59
C LEU C 19 -15.83 0.62 13.95
N ARG C 20 -14.53 0.86 14.04
CA ARG C 20 -14.00 2.21 14.27
C ARG C 20 -14.58 3.17 13.23
N ASP C 21 -14.61 2.77 11.96
CA ASP C 21 -15.24 3.60 10.90
C ASP C 21 -16.70 3.96 11.25
N LEU C 22 -17.48 2.95 11.68
CA LEU C 22 -18.86 3.17 12.09
C LEU C 22 -18.98 4.14 13.29
N LEU C 23 -18.10 4.02 14.26
CA LEU C 23 -18.05 5.00 15.38
C LEU C 23 -17.68 6.42 14.90
N ASP C 24 -16.75 6.52 13.94
CA ASP C 24 -16.36 7.81 13.33
C ASP C 24 -17.54 8.47 12.59
N ILE C 25 -18.27 7.66 11.81
CA ILE C 25 -19.50 8.10 11.15
C ILE C 25 -20.53 8.63 12.15
N VAL C 26 -20.75 7.88 13.24
CA VAL C 26 -21.73 8.26 14.24
C VAL C 26 -21.26 9.55 14.94
N GLU C 27 -20.01 9.57 15.43
CA GLU C 27 -19.54 10.70 16.22
C GLU C 27 -19.62 11.99 15.39
N THR C 28 -19.08 11.95 14.19
CA THR C 28 -19.11 13.07 13.23
C THR C 28 -20.54 13.52 12.89
N SER C 29 -21.44 12.57 12.73
CA SER C 29 -22.79 12.83 12.23
C SER C 29 -23.72 13.40 13.29
N GLN C 30 -23.69 12.85 14.49
CA GLN C 30 -24.47 13.42 15.60
C GLN C 30 -24.09 14.89 15.83
N ALA C 31 -22.79 15.17 15.94
CA ALA C 31 -22.28 16.53 16.17
C ALA C 31 -22.67 17.51 15.07
N HIS C 32 -22.29 17.22 13.84
CA HIS C 32 -22.62 18.08 12.70
C HIS C 32 -24.14 18.21 12.54
N ASN C 33 -24.83 17.08 12.50
CA ASN C 33 -26.26 17.09 12.25
C ASN C 33 -27.07 17.85 13.31
N ALA C 34 -26.66 17.73 14.57
CA ALA C 34 -27.30 18.47 15.68
C ALA C 34 -27.13 19.98 15.52
N ARG C 35 -25.89 20.40 15.26
CA ARG C 35 -25.62 21.82 14.94
C ARG C 35 -26.37 22.26 13.68
N ALA C 36 -26.19 21.52 12.58
CA ALA C 36 -26.68 21.96 11.26
C ALA C 36 -28.18 21.79 11.00
N GLN C 37 -28.92 21.26 11.99
CA GLN C 37 -30.38 21.10 11.93
C GLN C 37 -30.82 19.93 11.05
N LEU C 38 -30.00 18.88 11.02
CA LEU C 38 -30.31 17.70 10.22
C LEU C 38 -30.87 16.54 11.04
N THR C 39 -32.19 16.37 10.97
CA THR C 39 -32.86 15.20 11.53
C THR C 39 -32.92 14.10 10.46
N GLY C 40 -33.04 12.85 10.92
CA GLY C 40 -33.15 11.71 10.04
C GLY C 40 -32.54 10.46 10.67
N ALA C 41 -32.37 9.42 9.86
CA ALA C 41 -31.86 8.14 10.34
C ALA C 41 -30.96 7.44 9.33
N LEU C 42 -29.89 6.82 9.83
CA LEU C 42 -29.05 5.96 9.01
C LEU C 42 -29.20 4.49 9.46
N PHE C 43 -29.54 3.64 8.49
CA PHE C 43 -29.62 2.20 8.68
C PHE C 43 -28.44 1.51 8.00
N TYR C 44 -27.78 0.64 8.75
CA TYR C 44 -26.74 -0.23 8.22
C TYR C 44 -27.10 -1.70 8.44
N SER C 45 -27.28 -2.43 7.33
CA SER C 45 -27.58 -3.85 7.37
C SER C 45 -26.80 -4.57 6.26
N GLN C 46 -25.71 -5.22 6.66
CA GLN C 46 -24.85 -6.07 5.80
C GLN C 46 -24.35 -5.48 4.48
N GLY C 47 -23.31 -4.67 4.58
CA GLY C 47 -22.68 -4.09 3.41
C GLY C 47 -23.45 -2.93 2.81
N VAL C 48 -24.65 -2.69 3.31
CA VAL C 48 -25.59 -1.73 2.70
C VAL C 48 -26.00 -0.63 3.69
N PHE C 49 -25.86 0.62 3.23
CA PHE C 49 -26.31 1.79 3.96
C PHE C 49 -27.64 2.30 3.38
N PHE C 50 -28.49 2.82 4.25
CA PHE C 50 -29.71 3.51 3.83
C PHE C 50 -29.85 4.75 4.70
N GLN C 51 -30.00 5.92 4.11
CA GLN C 51 -30.13 7.13 4.94
C GLN C 51 -31.32 8.02 4.57
N TRP C 52 -31.93 8.62 5.60
CA TRP C 52 -32.95 9.66 5.50
C TRP C 52 -32.40 10.95 6.11
N LEU C 53 -32.55 12.06 5.38
CA LEU C 53 -32.01 13.37 5.78
C LEU C 53 -33.05 14.48 5.60
N GLU C 54 -33.20 15.32 6.62
CA GLU C 54 -34.16 16.44 6.58
C GLU C 54 -33.49 17.73 7.04
N GLY C 55 -33.94 18.85 6.49
CA GLY C 55 -33.44 20.15 6.90
C GLY C 55 -33.49 21.19 5.80
N ARG C 56 -32.94 22.37 6.09
CA ARG C 56 -32.86 23.46 5.12
C ARG C 56 -32.12 23.00 3.86
N PRO C 57 -32.69 23.28 2.66
CA PRO C 57 -32.16 22.84 1.35
C PRO C 57 -30.63 22.81 1.24
N ALA C 58 -29.98 23.91 1.59
CA ALA C 58 -28.51 24.02 1.56
C ALA C 58 -27.82 23.13 2.60
N ALA C 59 -28.36 23.10 3.82
CA ALA C 59 -27.82 22.26 4.89
C ALA C 59 -27.78 20.78 4.51
N VAL C 60 -28.79 20.34 3.75
CA VAL C 60 -28.87 18.99 3.20
C VAL C 60 -27.93 18.80 2.01
N ALA C 61 -27.88 19.80 1.12
CA ALA C 61 -27.03 19.75 -0.07
C ALA C 61 -25.55 19.66 0.30
N GLU C 62 -25.15 20.41 1.34
CA GLU C 62 -23.77 20.39 1.84
C GLU C 62 -23.38 19.03 2.45
N VAL C 63 -24.23 18.47 3.31
CA VAL C 63 -23.92 17.14 3.84
C VAL C 63 -23.86 16.07 2.74
N MET C 64 -24.82 16.08 1.81
CA MET C 64 -24.85 15.09 0.74
C MET C 64 -23.56 15.07 -0.06
N THR C 65 -23.07 16.27 -0.37
CA THR C 65 -21.80 16.52 -1.02
C THR C 65 -20.59 15.86 -0.34
N HIS C 66 -20.61 15.84 1.00
CA HIS C 66 -19.55 15.20 1.77
C HIS C 66 -19.68 13.69 1.75
N ILE C 67 -20.94 13.24 1.85
CA ILE C 67 -21.30 11.81 1.85
C ILE C 67 -20.99 11.18 0.49
N GLN C 68 -21.40 11.85 -0.59
CA GLN C 68 -21.12 11.44 -1.97
C GLN C 68 -19.64 11.24 -2.31
N ARG C 69 -18.75 11.96 -1.65
CA ARG C 69 -17.31 11.75 -1.83
C ARG C 69 -16.65 10.95 -0.69
N ASP C 70 -17.45 10.48 0.26
CA ASP C 70 -16.95 9.67 1.37
C ASP C 70 -16.45 8.33 0.84
N ARG C 71 -15.20 7.99 1.15
CA ARG C 71 -14.60 6.74 0.70
C ARG C 71 -15.07 5.49 1.46
N ARG C 72 -15.78 5.69 2.57
CA ARG C 72 -16.27 4.57 3.38
C ARG C 72 -17.53 3.88 2.80
N HIS C 73 -18.06 4.43 1.71
CA HIS C 73 -19.08 3.77 0.90
C HIS C 73 -18.92 4.15 -0.56
N SER C 74 -19.63 3.43 -1.44
CA SER C 74 -19.62 3.67 -2.87
C SER C 74 -21.02 3.45 -3.45
N ASN C 75 -21.11 3.41 -4.77
CA ASN C 75 -22.38 3.12 -5.45
C ASN C 75 -23.52 3.89 -4.76
N VAL C 76 -23.35 5.20 -4.60
CA VAL C 76 -24.35 5.99 -3.89
C VAL C 76 -25.44 6.42 -4.86
N GLU C 77 -26.64 5.88 -4.66
CA GLU C 77 -27.79 6.23 -5.49
C GLU C 77 -28.85 6.95 -4.68
N ILE C 78 -29.14 8.18 -5.07
CA ILE C 78 -30.26 8.90 -4.49
C ILE C 78 -31.53 8.16 -4.94
N LEU C 79 -32.55 8.14 -4.10
CA LEU C 79 -33.79 7.40 -4.38
C LEU C 79 -35.01 8.31 -4.44
N ALA C 80 -35.04 9.33 -3.59
CA ALA C 80 -36.18 10.23 -3.47
C ALA C 80 -35.77 11.55 -2.81
N GLU C 81 -35.63 12.58 -3.62
CA GLU C 81 -35.42 13.94 -3.14
C GLU C 81 -36.76 14.66 -3.25
N GLU C 82 -37.24 15.20 -2.13
CA GLU C 82 -38.60 15.73 -2.05
C GLU C 82 -38.73 16.93 -1.10
N PRO C 83 -39.55 17.94 -1.47
CA PRO C 83 -39.93 18.99 -0.52
C PRO C 83 -40.85 18.45 0.59
N ILE C 84 -40.59 18.82 1.84
CA ILE C 84 -41.38 18.37 2.98
C ILE C 84 -41.90 19.54 3.80
N ALA C 85 -43.17 19.47 4.20
CA ALA C 85 -43.81 20.53 4.98
C ALA C 85 -43.37 20.49 6.45
N LYS C 86 -43.40 19.29 7.04
CA LYS C 86 -42.94 19.07 8.40
C LYS C 86 -41.72 18.14 8.42
N ARG C 87 -41.20 17.87 9.60
CA ARG C 87 -40.15 16.86 9.79
C ARG C 87 -40.78 15.53 10.21
N ARG C 88 -40.17 14.44 9.77
CA ARG C 88 -40.66 13.09 10.08
C ARG C 88 -39.81 12.39 11.13
N PHE C 89 -38.75 13.05 11.57
CA PHE C 89 -37.81 12.51 12.56
C PHE C 89 -37.58 13.49 13.70
N ALA C 90 -37.54 12.96 14.93
CA ALA C 90 -37.30 13.76 16.14
C ALA C 90 -35.85 14.25 16.23
N GLY C 91 -34.90 13.32 16.09
CA GLY C 91 -33.48 13.66 16.01
C GLY C 91 -32.80 12.89 14.90
N TRP C 92 -31.50 12.64 15.05
CA TRP C 92 -30.80 11.72 14.15
C TRP C 92 -30.26 10.54 14.94
N HIS C 93 -30.30 9.35 14.32
CA HIS C 93 -29.73 8.14 14.92
C HIS C 93 -29.37 7.11 13.85
N MET C 94 -28.50 6.19 14.23
CA MET C 94 -28.09 5.09 13.39
C MET C 94 -28.73 3.79 13.91
N GLN C 95 -29.14 2.94 12.98
CA GLN C 95 -29.67 1.63 13.33
C GLN C 95 -28.88 0.56 12.60
N LEU C 96 -28.40 -0.43 13.36
CA LEU C 96 -27.49 -1.44 12.85
C LEU C 96 -28.04 -2.83 13.12
N SER C 97 -28.01 -3.68 12.09
CA SER C 97 -28.21 -5.12 12.26
C SER C 97 -27.11 -5.65 13.14
N CYS C 98 -27.46 -6.53 14.06
CA CYS C 98 -26.45 -7.19 14.87
C CYS C 98 -26.85 -8.63 15.09
N SER C 99 -26.59 -9.45 14.09
CA SER C 99 -26.90 -10.87 14.16
C SER C 99 -25.77 -11.62 14.84
N GLU C 100 -26.07 -12.84 15.24
CA GLU C 100 -25.09 -13.81 15.69
C GLU C 100 -24.33 -14.36 14.49
N ALA C 101 -23.50 -13.49 13.92
CA ALA C 101 -22.74 -13.73 12.70
C ALA C 101 -21.95 -12.46 12.40
N ASP C 102 -22.59 -11.32 12.68
CA ASP C 102 -21.93 -10.04 12.65
C ASP C 102 -21.00 -9.98 13.86
N MET C 103 -21.47 -10.51 14.99
CA MET C 103 -20.69 -10.63 16.20
C MET C 103 -19.47 -11.50 15.96
N ARG C 104 -19.67 -12.64 15.28
CA ARG C 104 -18.58 -13.57 14.98
C ARG C 104 -17.51 -12.99 14.04
N SER C 105 -17.91 -12.08 13.15
CA SER C 105 -16.97 -11.38 12.26
C SER C 105 -16.27 -10.18 12.95
N LEU C 106 -16.82 -9.78 14.10
CA LEU C 106 -16.16 -8.86 15.00
C LEU C 106 -15.28 -9.59 16.02
N GLY C 107 -15.30 -10.91 15.99
CA GLY C 107 -14.57 -11.74 16.98
C GLY C 107 -15.14 -11.69 18.40
N LEU C 108 -16.46 -11.52 18.49
CA LEU C 108 -17.20 -11.42 19.75
C LEU C 108 -18.21 -12.58 19.87
N ALA C 109 -18.33 -13.13 21.08
CA ALA C 109 -19.33 -14.14 21.36
C ALA C 109 -20.17 -13.62 22.51
N GLU C 110 -21.48 -13.63 22.29
CA GLU C 110 -22.40 -13.01 23.21
C GLU C 110 -23.32 -14.08 23.86
N SER C 111 -23.62 -13.92 25.14
CA SER C 111 -24.47 -14.87 25.86
C SER C 111 -25.20 -14.13 26.92
N ARG C 112 -26.36 -14.65 27.30
CA ARG C 112 -27.14 -14.03 28.36
C ARG C 112 -26.88 -14.70 29.68
N GLN C 113 -26.99 -13.90 30.73
CA GLN C 113 -26.70 -14.36 32.07
C GLN C 113 -27.67 -13.68 32.99
N ILE C 114 -27.94 -14.37 34.09
CA ILE C 114 -28.48 -13.76 35.27
C ILE C 114 -27.34 -13.52 36.26
N VAL C 115 -27.28 -12.32 36.81
CA VAL C 115 -26.20 -11.95 37.70
C VAL C 115 -26.75 -11.25 38.93
N THR C 116 -26.11 -11.47 40.08
CA THR C 116 -26.42 -10.72 41.30
C THR C 116 -25.94 -9.26 41.17
N VAL C 117 -26.65 -8.36 41.83
CA VAL C 117 -26.28 -6.95 41.91
C VAL C 117 -26.15 -6.50 43.37
#